data_3F3S
#
_entry.id   3F3S
#
_cell.length_a   102.085
_cell.length_b   102.085
_cell.length_c   134.986
_cell.angle_alpha   90.00
_cell.angle_beta   90.00
_cell.angle_gamma   120.00
#
_symmetry.space_group_name_H-M   'P 65'
#
loop_
_entity.id
_entity.type
_entity.pdbx_description
1 polymer 'Lambda-crystallin homolog'
2 non-polymer NICOTINAMIDE-ADENINE-DINUCLEOTIDE
3 non-polymer 'SULFATE ION'
4 non-polymer 'CHLORIDE ION'
5 non-polymer GLYCEROL
6 water water
#
_entity_poly.entity_id   1
_entity_poly.type   'polypeptide(L)'
_entity_poly.pdbx_seq_one_letter_code
;SMAGCVVIVGSGVIGRSWAMLFASGGFQVKLYDIEQQQIRNALENIRKEMKLLEQAGSLKGSLSVEEQLSLISGCPNIQE
AVEGAMHIQECVPEDLELKKKIFAQLDSIIDDRVILSSSTSCLMPSKLFAGLVHVKQCIVAHPVNPPYYIPLVELVPHPE
TAPTTVDRTHALMKKIGQCPMRVQKEVAGFVLNRLQYAIISEAWRLVEEGIVSPSDLDLVMSEGLGMRYAFIGPLETMHL
NAEGMLSYCDRYSEGIKHVLQTFGPIPEFSRATAEKVNQDMCMKVPDDPEHLAARRQWRDECLMRLAKLKSQV
;
_entity_poly.pdbx_strand_id   A,B
#
# COMPACT_ATOMS: atom_id res chain seq x y z
N MET A 2 -31.84 -4.97 23.22
CA MET A 2 -32.93 -3.97 23.06
C MET A 2 -33.11 -3.63 21.56
N ALA A 3 -32.01 -3.44 20.86
CA ALA A 3 -32.06 -3.31 19.41
C ALA A 3 -32.16 -4.73 18.84
N GLY A 4 -32.60 -4.86 17.61
CA GLY A 4 -32.63 -6.18 16.97
C GLY A 4 -31.29 -6.88 16.95
N CYS A 5 -31.30 -8.20 16.68
CA CYS A 5 -30.07 -8.91 16.49
C CYS A 5 -29.47 -8.64 15.09
N VAL A 6 -28.31 -9.20 14.88
CA VAL A 6 -27.67 -9.26 13.58
C VAL A 6 -27.80 -10.73 13.11
N VAL A 7 -28.21 -10.93 11.86
CA VAL A 7 -28.31 -12.26 11.27
C VAL A 7 -27.18 -12.41 10.24
N ILE A 8 -26.44 -13.50 10.37
CA ILE A 8 -25.48 -13.93 9.37
C ILE A 8 -26.09 -15.06 8.52
N VAL A 9 -26.31 -14.80 7.24
CA VAL A 9 -26.83 -15.80 6.32
C VAL A 9 -25.66 -16.43 5.58
N GLY A 10 -25.26 -17.62 5.98
CA GLY A 10 -24.04 -18.24 5.46
C GLY A 10 -22.96 -18.19 6.51
N SER A 11 -22.77 -19.31 7.21
CA SER A 11 -21.82 -19.38 8.31
CA SER A 11 -21.84 -19.38 8.31
C SER A 11 -20.50 -19.97 7.85
N GLY A 12 -19.93 -19.36 6.81
CA GLY A 12 -18.62 -19.78 6.29
C GLY A 12 -17.49 -18.90 6.80
N VAL A 13 -16.47 -18.68 5.97
CA VAL A 13 -15.26 -17.93 6.39
C VAL A 13 -15.64 -16.52 6.80
N ILE A 14 -16.36 -15.84 5.93
CA ILE A 14 -16.68 -14.45 6.15
C ILE A 14 -17.77 -14.34 7.18
N GLY A 15 -18.77 -15.21 7.12
CA GLY A 15 -19.82 -15.22 8.15
C GLY A 15 -19.33 -15.34 9.58
N ARG A 16 -18.41 -16.26 9.79
CA ARG A 16 -17.82 -16.46 11.08
C ARG A 16 -17.07 -15.20 11.54
N SER A 17 -16.34 -14.51 10.64
CA SER A 17 -15.59 -13.33 11.02
C SER A 17 -16.53 -12.22 11.40
N TRP A 18 -17.61 -12.03 10.65
CA TRP A 18 -18.59 -11.05 10.98
C TRP A 18 -19.22 -11.33 12.33
N ALA A 19 -19.49 -12.61 12.59
CA ALA A 19 -20.10 -12.99 13.86
C ALA A 19 -19.23 -12.56 15.03
N MET A 20 -17.93 -12.82 14.93
CA MET A 20 -16.99 -12.37 15.93
C MET A 20 -16.90 -10.84 16.04
N LEU A 21 -16.90 -10.15 14.92
CA LEU A 21 -16.91 -8.69 14.95
C LEU A 21 -18.14 -8.12 15.66
N PHE A 22 -19.33 -8.59 15.29
CA PHE A 22 -20.56 -8.12 15.88
C PHE A 22 -20.70 -8.48 17.35
N ALA A 23 -20.36 -9.71 17.72
CA ALA A 23 -20.31 -10.10 19.12
C ALA A 23 -19.42 -9.16 19.92
N SER A 24 -18.29 -8.73 19.37
CA SER A 24 -17.35 -7.89 20.14
C SER A 24 -17.93 -6.49 20.35
N GLY A 25 -18.88 -6.11 19.50
CA GLY A 25 -19.61 -4.86 19.64
C GLY A 25 -20.82 -4.94 20.56
N GLY A 26 -21.08 -6.10 21.13
CA GLY A 26 -22.16 -6.26 22.06
C GLY A 26 -23.44 -6.68 21.38
N PHE A 27 -23.40 -6.96 20.08
CA PHE A 27 -24.62 -7.37 19.37
C PHE A 27 -24.93 -8.85 19.50
N GLN A 28 -26.20 -9.17 19.65
CA GLN A 28 -26.65 -10.55 19.50
C GLN A 28 -26.51 -10.96 18.04
N VAL A 29 -26.02 -12.16 17.82
CA VAL A 29 -25.75 -12.66 16.47
C VAL A 29 -26.48 -13.99 16.31
N LYS A 30 -27.27 -14.11 15.24
CA LYS A 30 -27.86 -15.40 14.89
C LYS A 30 -27.25 -15.91 13.59
N LEU A 31 -26.71 -17.13 13.68
CA LEU A 31 -26.00 -17.75 12.56
C LEU A 31 -26.97 -18.67 11.85
N TYR A 32 -27.22 -18.39 10.57
CA TYR A 32 -28.03 -19.26 9.75
C TYR A 32 -27.19 -19.79 8.57
N ASP A 33 -27.50 -21.00 8.15
CA ASP A 33 -26.88 -21.62 6.98
C ASP A 33 -27.89 -22.61 6.41
N ILE A 34 -27.81 -22.86 5.12
CA ILE A 34 -28.68 -23.84 4.51
C ILE A 34 -28.29 -25.24 5.04
N GLU A 35 -27.04 -25.43 5.47
CA GLU A 35 -26.59 -26.70 6.08
C GLU A 35 -26.40 -26.51 7.56
N GLN A 36 -27.20 -27.22 8.34
CA GLN A 36 -27.19 -27.07 9.79
C GLN A 36 -25.85 -27.47 10.38
N GLN A 37 -25.20 -28.45 9.77
CA GLN A 37 -23.85 -28.83 10.19
C GLN A 37 -22.86 -27.67 10.07
N GLN A 38 -23.05 -26.78 9.11
CA GLN A 38 -22.17 -25.62 9.02
C GLN A 38 -22.39 -24.62 10.18
N ILE A 39 -23.63 -24.46 10.62
CA ILE A 39 -23.93 -23.68 11.84
C ILE A 39 -23.20 -24.32 13.04
N ARG A 40 -23.26 -25.64 13.17
CA ARG A 40 -22.65 -26.29 14.32
C ARG A 40 -21.15 -26.14 14.26
N ASN A 41 -20.56 -26.36 13.10
CA ASN A 41 -19.13 -26.19 12.93
C ASN A 41 -18.72 -24.73 13.20
N ALA A 42 -19.54 -23.77 12.77
CA ALA A 42 -19.21 -22.34 12.92
C ALA A 42 -19.16 -22.03 14.40
N LEU A 43 -20.13 -22.50 15.14
CA LEU A 43 -20.17 -22.22 16.57
C LEU A 43 -18.95 -22.84 17.28
N GLU A 44 -18.57 -24.06 16.88
CA GLU A 44 -17.37 -24.69 17.45
C GLU A 44 -16.11 -23.92 17.04
N ASN A 45 -15.98 -23.53 15.79
CA ASN A 45 -14.76 -22.85 15.38
CA ASN A 45 -14.81 -22.76 15.27
C ASN A 45 -14.66 -21.43 15.98
N ILE A 46 -15.78 -20.74 16.16
CA ILE A 46 -15.75 -19.43 16.80
C ILE A 46 -15.35 -19.52 18.26
N ARG A 47 -15.82 -20.56 18.94
CA ARG A 47 -15.43 -20.78 20.31
C ARG A 47 -13.91 -20.98 20.39
N LYS A 48 -13.38 -21.80 19.49
CA LYS A 48 -11.95 -22.09 19.51
C LYS A 48 -11.12 -20.85 19.14
N GLU A 49 -11.57 -20.09 18.15
CA GLU A 49 -10.84 -18.93 17.70
C GLU A 49 -10.82 -17.80 18.74
N MET A 50 -11.94 -17.57 19.39
CA MET A 50 -12.01 -16.55 20.44
C MET A 50 -11.05 -16.83 21.63
N LYS A 51 -10.90 -18.10 21.99
CA LYS A 51 -9.90 -18.50 22.99
C LYS A 51 -8.50 -18.16 22.48
N LEU A 52 -8.21 -18.49 21.23
CA LEU A 52 -6.93 -18.14 20.61
C LEU A 52 -6.64 -16.64 20.56
N LEU A 53 -7.68 -15.85 20.26
CA LEU A 53 -7.54 -14.40 20.21
C LEU A 53 -7.28 -13.82 21.60
N GLU A 54 -8.04 -14.29 22.56
CA GLU A 54 -7.84 -13.89 23.93
C GLU A 54 -6.40 -14.14 24.41
N GLN A 55 -5.86 -15.32 24.02
CA GLN A 55 -4.48 -15.66 24.42
C GLN A 55 -3.43 -14.80 23.72
N ALA A 56 -3.68 -14.43 22.47
CA ALA A 56 -2.83 -13.51 21.72
C ALA A 56 -3.04 -12.04 22.11
N GLY A 57 -4.01 -11.76 22.99
CA GLY A 57 -4.36 -10.39 23.32
C GLY A 57 -5.03 -9.65 22.19
N SER A 58 -5.63 -10.38 21.26
CA SER A 58 -6.22 -9.82 20.04
C SER A 58 -7.73 -9.75 20.05
N LEU A 59 -8.37 -10.24 21.12
CA LEU A 59 -9.82 -10.17 21.23
C LEU A 59 -10.27 -8.71 21.37
N LYS A 60 -11.23 -8.30 20.56
CA LYS A 60 -11.65 -6.90 20.53
C LYS A 60 -12.62 -6.52 21.64
N GLY A 61 -12.46 -5.30 22.14
CA GLY A 61 -13.43 -4.69 23.02
C GLY A 61 -13.26 -5.16 24.43
N SER A 62 -14.22 -4.80 25.27
CA SER A 62 -14.15 -5.06 26.71
C SER A 62 -14.89 -6.32 27.16
N LEU A 63 -15.75 -6.89 26.32
CA LEU A 63 -16.51 -8.09 26.71
C LEU A 63 -15.60 -9.32 26.80
N SER A 64 -15.82 -10.19 27.79
CA SER A 64 -15.02 -11.42 27.93
C SER A 64 -15.30 -12.41 26.80
N VAL A 65 -14.47 -13.44 26.69
CA VAL A 65 -14.75 -14.54 25.76
C VAL A 65 -16.16 -15.09 26.03
N GLU A 66 -16.46 -15.36 27.31
CA GLU A 66 -17.74 -15.97 27.67
C GLU A 66 -18.92 -15.04 27.37
N GLU A 67 -18.79 -13.75 27.67
CA GLU A 67 -19.78 -12.74 27.26
C GLU A 67 -20.02 -12.73 25.76
N GLN A 68 -18.95 -12.72 24.96
CA GLN A 68 -19.11 -12.58 23.52
C GLN A 68 -19.75 -13.84 22.93
N LEU A 69 -19.34 -15.00 23.45
CA LEU A 69 -19.83 -16.28 22.95
C LEU A 69 -21.31 -16.46 23.28
N SER A 70 -21.74 -16.02 24.46
CA SER A 70 -23.14 -16.04 24.81
C SER A 70 -23.99 -15.20 23.85
N LEU A 71 -23.40 -14.27 23.14
CA LEU A 71 -24.16 -13.44 22.16
C LEU A 71 -24.45 -14.14 20.84
N ILE A 72 -23.75 -15.23 20.58
CA ILE A 72 -23.80 -15.87 19.28
C ILE A 72 -24.53 -17.20 19.41
N SER A 73 -25.59 -17.38 18.64
CA SER A 73 -26.32 -18.64 18.64
C SER A 73 -26.61 -19.09 17.20
N GLY A 74 -26.84 -20.39 17.04
CA GLY A 74 -27.26 -20.96 15.78
C GLY A 74 -28.76 -20.82 15.64
N CYS A 75 -29.22 -20.53 14.46
CA CYS A 75 -30.64 -20.38 14.21
C CYS A 75 -30.97 -20.93 12.82
N PRO A 76 -31.29 -22.24 12.74
CA PRO A 76 -31.46 -22.86 11.42
C PRO A 76 -32.71 -22.44 10.62
N ASN A 77 -33.69 -21.83 11.28
CA ASN A 77 -34.88 -21.34 10.63
C ASN A 77 -34.74 -19.88 10.23
N ILE A 78 -34.80 -19.59 8.95
CA ILE A 78 -34.53 -18.25 8.50
C ILE A 78 -35.60 -17.27 8.96
N GLN A 79 -36.87 -17.67 8.94
CA GLN A 79 -38.01 -16.85 9.42
C GLN A 79 -37.81 -16.41 10.88
N GLU A 80 -37.54 -17.36 11.76
CA GLU A 80 -37.21 -17.03 13.14
C GLU A 80 -35.97 -16.15 13.21
N ALA A 81 -34.96 -16.44 12.40
CA ALA A 81 -33.70 -15.68 12.46
C ALA A 81 -33.95 -14.20 12.20
N VAL A 82 -34.72 -13.89 11.15
CA VAL A 82 -34.85 -12.51 10.72
C VAL A 82 -35.92 -11.72 11.46
N GLU A 83 -36.76 -12.41 12.22
CA GLU A 83 -37.80 -11.73 12.97
C GLU A 83 -37.18 -10.81 14.04
N GLY A 84 -37.39 -9.51 13.89
CA GLY A 84 -36.87 -8.54 14.83
C GLY A 84 -35.41 -8.18 14.62
N ALA A 85 -34.77 -8.69 13.55
CA ALA A 85 -33.38 -8.37 13.24
C ALA A 85 -33.25 -6.92 12.80
N MET A 86 -32.10 -6.30 13.03
CA MET A 86 -31.88 -4.97 12.45
C MET A 86 -30.86 -4.96 11.31
N HIS A 87 -30.09 -6.03 11.16
CA HIS A 87 -29.11 -6.12 10.11
C HIS A 87 -28.96 -7.59 9.74
N ILE A 88 -29.01 -7.86 8.45
CA ILE A 88 -28.80 -9.18 7.91
C ILE A 88 -27.55 -9.05 7.02
N GLN A 89 -26.48 -9.73 7.35
CA GLN A 89 -25.30 -9.72 6.50
C GLN A 89 -25.27 -11.07 5.77
N GLU A 90 -25.37 -11.03 4.45
CA GLU A 90 -25.35 -12.23 3.60
C GLU A 90 -23.91 -12.60 3.21
N CYS A 91 -23.59 -13.88 3.41
CA CYS A 91 -22.24 -14.38 3.25
C CYS A 91 -22.28 -15.75 2.61
N VAL A 92 -23.14 -15.89 1.62
CA VAL A 92 -23.21 -17.14 0.88
C VAL A 92 -22.22 -17.09 -0.30
N PRO A 93 -22.05 -18.21 -1.03
CA PRO A 93 -21.07 -18.16 -2.10
C PRO A 93 -21.24 -17.05 -3.13
N GLU A 94 -20.12 -16.68 -3.74
CA GLU A 94 -20.12 -15.62 -4.75
C GLU A 94 -20.78 -16.09 -6.06
N ASP A 95 -22.10 -16.10 -6.09
CA ASP A 95 -22.88 -16.62 -7.23
C ASP A 95 -24.13 -15.78 -7.36
N LEU A 96 -24.24 -15.03 -8.45
CA LEU A 96 -25.30 -14.07 -8.58
C LEU A 96 -26.69 -14.71 -8.50
N GLU A 97 -26.93 -15.78 -9.24
CA GLU A 97 -28.23 -16.45 -9.24
C GLU A 97 -28.61 -16.93 -7.83
N LEU A 98 -27.64 -17.48 -7.08
CA LEU A 98 -27.90 -17.93 -5.69
C LEU A 98 -28.21 -16.75 -4.77
N LYS A 99 -27.46 -15.66 -4.91
CA LYS A 99 -27.69 -14.48 -4.05
C LYS A 99 -29.05 -13.85 -4.34
N LYS A 100 -29.38 -13.76 -5.61
CA LYS A 100 -30.67 -13.18 -6.00
C LYS A 100 -31.84 -14.01 -5.49
N LYS A 101 -31.70 -15.32 -5.49
CA LYS A 101 -32.71 -16.24 -4.95
C LYS A 101 -32.95 -16.01 -3.46
N ILE A 102 -31.87 -15.93 -2.72
CA ILE A 102 -31.94 -15.71 -1.28
C ILE A 102 -32.54 -14.36 -1.01
N PHE A 103 -32.10 -13.34 -1.74
CA PHE A 103 -32.67 -12.04 -1.55
C PHE A 103 -34.17 -12.00 -1.88
N ALA A 104 -34.62 -12.78 -2.84
CA ALA A 104 -36.03 -12.83 -3.20
C ALA A 104 -36.85 -13.53 -2.12
N GLN A 105 -36.33 -14.58 -1.52
CA GLN A 105 -36.91 -15.18 -0.33
C GLN A 105 -37.00 -14.17 0.82
N LEU A 106 -35.90 -13.50 1.13
CA LEU A 106 -35.89 -12.54 2.24
C LEU A 106 -36.85 -11.39 1.97
N ASP A 107 -36.91 -10.95 0.72
CA ASP A 107 -37.78 -9.84 0.31
C ASP A 107 -39.23 -10.11 0.68
N SER A 108 -39.65 -11.36 0.65
CA SER A 108 -41.06 -11.67 0.80
C SER A 108 -41.47 -11.81 2.27
N ILE A 109 -40.49 -11.85 3.17
CA ILE A 109 -40.75 -12.07 4.57
C ILE A 109 -40.27 -10.93 5.50
N ILE A 110 -39.31 -10.10 5.08
CA ILE A 110 -38.74 -9.10 6.01
C ILE A 110 -39.62 -7.86 6.20
N ASP A 111 -39.32 -7.11 7.27
CA ASP A 111 -40.01 -5.85 7.56
C ASP A 111 -39.28 -4.72 6.84
N ASP A 112 -39.71 -3.48 7.07
CA ASP A 112 -39.16 -2.28 6.42
C ASP A 112 -37.98 -1.59 7.13
N ARG A 113 -37.53 -2.13 8.27
CA ARG A 113 -36.43 -1.52 9.06
C ARG A 113 -35.12 -2.26 8.97
N VAL A 114 -35.16 -3.58 8.89
CA VAL A 114 -33.94 -4.34 8.77
C VAL A 114 -33.15 -3.88 7.53
N ILE A 115 -31.83 -3.87 7.67
CA ILE A 115 -30.96 -3.62 6.53
C ILE A 115 -30.41 -4.94 6.02
N LEU A 116 -30.45 -5.05 4.71
CA LEU A 116 -29.96 -6.25 4.01
C LEU A 116 -28.66 -5.92 3.30
N SER A 117 -27.61 -6.58 3.73
CA SER A 117 -26.27 -6.17 3.32
C SER A 117 -25.56 -7.37 2.75
N SER A 118 -24.99 -7.26 1.55
CA SER A 118 -24.18 -8.35 0.98
C SER A 118 -22.68 -8.15 1.22
N SER A 119 -21.97 -9.26 1.44
CA SER A 119 -20.53 -9.28 1.59
C SER A 119 -19.76 -9.38 0.27
N THR A 120 -20.48 -9.32 -0.85
CA THR A 120 -19.91 -9.66 -2.14
C THR A 120 -18.66 -8.84 -2.43
N SER A 121 -17.72 -9.49 -3.06
CA SER A 121 -16.48 -8.83 -3.47
C SER A 121 -16.58 -8.32 -4.89
N CYS A 122 -17.53 -8.80 -5.68
CA CYS A 122 -17.58 -8.36 -7.08
C CYS A 122 -18.94 -8.17 -7.75
N LEU A 123 -20.05 -8.51 -7.09
CA LEU A 123 -21.34 -8.41 -7.78
C LEU A 123 -21.93 -7.03 -7.60
N MET A 124 -22.55 -6.50 -8.65
CA MET A 124 -23.08 -5.14 -8.60
C MET A 124 -24.37 -5.09 -7.81
N PRO A 125 -24.53 -4.06 -6.96
CA PRO A 125 -25.82 -3.88 -6.32
C PRO A 125 -26.97 -3.80 -7.30
N SER A 126 -26.77 -3.17 -8.44
CA SER A 126 -27.85 -3.09 -9.43
C SER A 126 -28.35 -4.46 -9.94
N LYS A 127 -27.51 -5.49 -9.87
CA LYS A 127 -27.94 -6.84 -10.26
C LYS A 127 -28.44 -7.62 -9.04
N LEU A 128 -27.73 -7.50 -7.92
CA LEU A 128 -28.11 -8.21 -6.68
C LEU A 128 -29.52 -7.87 -6.21
N PHE A 129 -29.86 -6.58 -6.27
CA PHE A 129 -31.06 -6.11 -5.65
C PHE A 129 -32.12 -5.67 -6.67
N ALA A 130 -31.93 -6.07 -7.94
CA ALA A 130 -32.89 -5.77 -8.99
C ALA A 130 -34.24 -6.28 -8.57
N GLY A 131 -35.24 -5.45 -8.76
CA GLY A 131 -36.62 -5.87 -8.59
C GLY A 131 -37.07 -6.12 -7.16
N LEU A 132 -36.26 -5.81 -6.15
CA LEU A 132 -36.71 -6.09 -4.76
C LEU A 132 -37.61 -4.99 -4.20
N VAL A 133 -38.70 -5.40 -3.54
CA VAL A 133 -39.61 -4.45 -2.88
C VAL A 133 -38.84 -3.62 -1.83
N HIS A 134 -37.91 -4.24 -1.13
CA HIS A 134 -37.20 -3.61 -0.03
C HIS A 134 -35.84 -3.09 -0.46
N VAL A 135 -35.70 -2.73 -1.73
CA VAL A 135 -34.48 -2.19 -2.30
C VAL A 135 -33.89 -1.01 -1.51
N LYS A 136 -34.74 -0.16 -0.93
CA LYS A 136 -34.26 0.97 -0.07
C LYS A 136 -33.36 0.55 1.08
N GLN A 137 -33.58 -0.70 1.55
CA GLN A 137 -32.89 -1.27 2.71
C GLN A 137 -31.66 -2.08 2.37
N CYS A 138 -31.30 -2.11 1.08
CA CYS A 138 -30.25 -2.96 0.55
C CYS A 138 -28.91 -2.24 0.36
N ILE A 139 -27.83 -2.95 0.58
CA ILE A 139 -26.49 -2.36 0.50
C ILE A 139 -25.44 -3.47 0.38
N VAL A 140 -24.31 -3.18 -0.23
CA VAL A 140 -23.12 -4.05 -0.14
C VAL A 140 -22.22 -3.48 0.95
N ALA A 141 -21.83 -4.33 1.87
CA ALA A 141 -20.78 -4.01 2.83
C ALA A 141 -19.70 -5.09 2.68
N HIS A 142 -18.73 -4.75 1.84
CA HIS A 142 -17.69 -5.68 1.45
C HIS A 142 -16.48 -5.57 2.38
N PRO A 143 -16.17 -6.63 3.12
CA PRO A 143 -15.04 -6.62 4.01
C PRO A 143 -13.78 -7.16 3.29
N VAL A 144 -12.65 -7.19 4.00
CA VAL A 144 -11.39 -7.63 3.44
C VAL A 144 -10.90 -8.77 4.29
N ASN A 145 -10.64 -9.92 3.68
CA ASN A 145 -10.21 -11.05 4.49
C ASN A 145 -8.72 -10.90 4.90
N PRO A 146 -8.36 -11.21 6.16
CA PRO A 146 -9.13 -11.57 7.38
C PRO A 146 -9.75 -10.35 8.05
N PRO A 147 -11.11 -10.24 8.08
CA PRO A 147 -11.69 -8.98 8.51
C PRO A 147 -11.50 -8.65 9.97
N TYR A 148 -11.14 -9.65 10.77
CA TYR A 148 -10.87 -9.40 12.18
C TYR A 148 -9.57 -8.60 12.39
N TYR A 149 -8.66 -8.65 11.40
CA TYR A 149 -7.43 -7.87 11.43
C TYR A 149 -7.45 -6.67 10.49
N ILE A 150 -8.13 -6.79 9.34
CA ILE A 150 -8.18 -5.71 8.37
C ILE A 150 -9.55 -5.03 8.44
N PRO A 151 -9.56 -3.75 8.86
CA PRO A 151 -10.80 -3.10 9.22
C PRO A 151 -11.64 -2.56 8.07
N LEU A 152 -11.08 -2.41 6.90
CA LEU A 152 -11.78 -1.74 5.78
C LEU A 152 -13.07 -2.47 5.41
N VAL A 153 -14.14 -1.69 5.29
CA VAL A 153 -15.39 -2.19 4.74
C VAL A 153 -15.86 -1.20 3.68
N GLU A 154 -16.04 -1.71 2.48
CA GLU A 154 -16.56 -0.87 1.40
C GLU A 154 -18.08 -0.89 1.41
N LEU A 155 -18.70 0.29 1.51
CA LEU A 155 -20.13 0.38 1.43
C LEU A 155 -20.55 0.84 0.04
N VAL A 156 -21.29 -0.01 -0.64
CA VAL A 156 -21.69 0.26 -2.01
C VAL A 156 -23.22 0.20 -2.13
N PRO A 157 -23.86 1.33 -2.37
CA PRO A 157 -25.32 1.31 -2.47
C PRO A 157 -25.83 0.91 -3.84
N HIS A 158 -27.11 0.57 -3.88
CA HIS A 158 -27.89 0.52 -5.10
C HIS A 158 -28.35 1.94 -5.36
N PRO A 159 -28.61 2.28 -6.63
CA PRO A 159 -29.14 3.63 -6.88
C PRO A 159 -30.31 4.06 -6.00
N GLU A 160 -31.12 3.12 -5.51
CA GLU A 160 -32.33 3.46 -4.79
C GLU A 160 -32.18 3.16 -3.29
N THR A 161 -30.99 2.74 -2.87
CA THR A 161 -30.68 2.63 -1.44
C THR A 161 -30.97 3.96 -0.74
N ALA A 162 -31.76 3.92 0.32
CA ALA A 162 -32.03 5.08 1.15
C ALA A 162 -30.74 5.59 1.83
N PRO A 163 -30.57 6.92 1.86
CA PRO A 163 -29.44 7.46 2.64
C PRO A 163 -29.40 6.97 4.08
N THR A 164 -30.57 6.81 4.72
CA THR A 164 -30.57 6.28 6.10
C THR A 164 -29.92 4.90 6.17
N THR A 165 -30.05 4.10 5.11
CA THR A 165 -29.42 2.76 5.08
C THR A 165 -27.90 2.84 5.10
N VAL A 166 -27.38 3.79 4.33
CA VAL A 166 -25.95 4.01 4.29
C VAL A 166 -25.49 4.51 5.68
N ASP A 167 -26.19 5.49 6.25
CA ASP A 167 -25.77 6.07 7.52
C ASP A 167 -25.86 5.12 8.68
N ARG A 168 -26.94 4.35 8.74
CA ARG A 168 -27.06 3.27 9.71
C ARG A 168 -25.97 2.22 9.58
N THR A 169 -25.63 1.87 8.36
CA THR A 169 -24.65 0.82 8.16
C THR A 169 -23.26 1.33 8.51
N HIS A 170 -22.99 2.58 8.15
CA HIS A 170 -21.75 3.24 8.57
C HIS A 170 -21.58 3.23 10.10
N ALA A 171 -22.63 3.64 10.82
CA ALA A 171 -22.55 3.70 12.30
C ALA A 171 -22.37 2.31 12.86
N LEU A 172 -23.01 1.32 12.25
CA LEU A 172 -22.87 -0.07 12.73
C LEU A 172 -21.44 -0.60 12.57
N MET A 173 -20.87 -0.34 11.40
CA MET A 173 -19.49 -0.72 11.10
C MET A 173 -18.52 -0.02 12.07
N LYS A 174 -18.76 1.24 12.40
CA LYS A 174 -17.92 1.95 13.37
C LYS A 174 -18.02 1.35 14.76
N LYS A 175 -19.22 0.96 15.18
CA LYS A 175 -19.41 0.38 16.51
C LYS A 175 -18.63 -0.90 16.69
N ILE A 176 -18.56 -1.72 15.65
CA ILE A 176 -17.82 -2.99 15.73
C ILE A 176 -16.33 -2.83 15.44
N GLY A 177 -15.90 -1.60 15.22
CA GLY A 177 -14.47 -1.32 15.15
C GLY A 177 -13.90 -1.29 13.72
N GLN A 178 -14.74 -1.46 12.72
CA GLN A 178 -14.27 -1.50 11.34
C GLN A 178 -14.14 -0.09 10.78
N CYS A 179 -13.69 0.02 9.55
CA CYS A 179 -13.44 1.30 8.95
C CYS A 179 -14.23 1.37 7.65
N PRO A 180 -15.49 1.82 7.72
CA PRO A 180 -16.31 1.95 6.54
C PRO A 180 -15.90 3.09 5.66
N MET A 181 -16.10 2.92 4.36
CA MET A 181 -15.96 4.02 3.46
C MET A 181 -17.04 3.93 2.42
N ARG A 182 -17.21 4.99 1.66
CA ARG A 182 -18.29 5.05 0.69
C ARG A 182 -17.86 5.02 -0.77
N VAL A 183 -18.45 4.09 -1.50
CA VAL A 183 -18.30 4.06 -2.96
C VAL A 183 -19.61 4.73 -3.41
N GLN A 184 -19.50 5.88 -4.05
CA GLN A 184 -20.68 6.71 -4.27
C GLN A 184 -21.63 6.09 -5.30
N LYS A 185 -21.04 5.48 -6.34
CA LYS A 185 -21.75 4.90 -7.48
C LYS A 185 -21.04 3.58 -7.72
N GLU A 186 -21.78 2.52 -8.03
CA GLU A 186 -21.12 1.22 -8.26
C GLU A 186 -20.23 1.31 -9.52
N VAL A 187 -19.10 0.62 -9.49
CA VAL A 187 -18.22 0.42 -10.61
C VAL A 187 -17.63 -0.97 -10.44
N ALA A 188 -17.13 -1.52 -11.52
CA ALA A 188 -16.57 -2.88 -11.52
C ALA A 188 -15.40 -2.91 -10.59
N GLY A 189 -15.37 -3.90 -9.70
CA GLY A 189 -14.26 -4.00 -8.75
C GLY A 189 -14.34 -3.09 -7.52
N PHE A 190 -15.44 -2.35 -7.41
CA PHE A 190 -15.62 -1.31 -6.38
C PHE A 190 -14.38 -0.41 -6.33
N VAL A 191 -13.75 -0.20 -5.17
CA VAL A 191 -12.54 0.64 -5.19
C VAL A 191 -11.33 -0.21 -4.94
N LEU A 192 -11.35 -1.00 -3.88
CA LEU A 192 -10.18 -1.74 -3.49
C LEU A 192 -9.59 -2.65 -4.59
N ASN A 193 -10.41 -3.48 -5.22
CA ASN A 193 -9.96 -4.31 -6.34
C ASN A 193 -9.57 -3.57 -7.60
N ARG A 194 -10.08 -2.38 -7.83
CA ARG A 194 -9.58 -1.61 -8.98
C ARG A 194 -8.12 -1.20 -8.75
N LEU A 195 -7.80 -0.71 -7.55
CA LEU A 195 -6.42 -0.39 -7.24
C LEU A 195 -5.58 -1.67 -7.20
N GLN A 196 -6.08 -2.72 -6.56
CA GLN A 196 -5.32 -3.95 -6.49
C GLN A 196 -5.00 -4.47 -7.91
N TYR A 197 -5.98 -4.41 -8.82
CA TYR A 197 -5.83 -4.98 -10.14
C TYR A 197 -4.96 -4.10 -11.04
N ALA A 198 -4.95 -2.78 -10.80
CA ALA A 198 -4.00 -1.89 -11.48
C ALA A 198 -2.56 -2.29 -11.18
N ILE A 199 -2.30 -2.59 -9.90
CA ILE A 199 -1.00 -3.05 -9.43
C ILE A 199 -0.63 -4.47 -9.97
N ILE A 200 -1.54 -5.42 -9.85
CA ILE A 200 -1.34 -6.77 -10.37
C ILE A 200 -1.04 -6.77 -11.86
N SER A 201 -1.79 -6.00 -12.64
CA SER A 201 -1.60 -5.90 -14.06
C SER A 201 -0.17 -5.45 -14.46
N GLU A 202 0.32 -4.36 -13.89
CA GLU A 202 1.69 -3.92 -14.17
C GLU A 202 2.75 -4.89 -13.60
N ALA A 203 2.52 -5.43 -12.40
CA ALA A 203 3.47 -6.37 -11.79
C ALA A 203 3.62 -7.58 -12.70
N TRP A 204 2.49 -8.08 -13.17
CA TRP A 204 2.49 -9.24 -14.04
C TRP A 204 3.28 -9.00 -15.30
N ARG A 205 3.04 -7.86 -15.95
CA ARG A 205 3.81 -7.49 -17.14
C ARG A 205 5.30 -7.37 -16.84
N LEU A 206 5.65 -6.66 -15.78
CA LEU A 206 7.05 -6.51 -15.40
C LEU A 206 7.74 -7.85 -15.19
N VAL A 207 7.08 -8.78 -14.52
CA VAL A 207 7.74 -10.08 -14.33
C VAL A 207 7.74 -10.98 -15.55
N GLU A 208 6.67 -10.96 -16.32
CA GLU A 208 6.63 -11.71 -17.60
C GLU A 208 7.74 -11.24 -18.52
N GLU A 209 8.05 -9.94 -18.50
CA GLU A 209 9.08 -9.38 -19.35
C GLU A 209 10.47 -9.59 -18.77
N GLY A 210 10.56 -10.04 -17.52
CA GLY A 210 11.87 -10.19 -16.88
C GLY A 210 12.58 -8.91 -16.48
N ILE A 211 11.83 -7.85 -16.26
CA ILE A 211 12.40 -6.61 -15.74
C ILE A 211 12.94 -6.87 -14.33
N VAL A 212 12.17 -7.61 -13.54
CA VAL A 212 12.62 -8.14 -12.25
C VAL A 212 11.95 -9.49 -12.04
N SER A 213 12.55 -10.32 -11.18
CA SER A 213 11.91 -11.57 -10.80
C SER A 213 10.69 -11.28 -9.93
N PRO A 214 9.75 -12.25 -9.82
CA PRO A 214 8.58 -12.02 -8.97
C PRO A 214 8.95 -11.74 -7.49
N SER A 215 9.95 -12.45 -6.99
CA SER A 215 10.45 -12.27 -5.65
C SER A 215 11.03 -10.87 -5.41
N ASP A 216 11.81 -10.37 -6.35
CA ASP A 216 12.32 -9.01 -6.25
C ASP A 216 11.22 -7.96 -6.40
N LEU A 217 10.27 -8.19 -7.32
CA LEU A 217 9.14 -7.26 -7.46
C LEU A 217 8.37 -7.18 -6.13
N ASP A 218 8.14 -8.33 -5.50
CA ASP A 218 7.46 -8.36 -4.20
C ASP A 218 8.23 -7.62 -3.09
N LEU A 219 9.58 -7.73 -3.04
CA LEU A 219 10.43 -6.87 -2.15
C LEU A 219 10.34 -5.36 -2.44
N VAL A 220 10.25 -4.97 -3.71
CA VAL A 220 10.04 -3.57 -4.06
C VAL A 220 8.81 -3.04 -3.32
N MET A 221 7.75 -3.84 -3.25
CA MET A 221 6.59 -3.49 -2.42
C MET A 221 6.83 -3.59 -0.91
N SER A 222 7.26 -4.74 -0.43
CA SER A 222 7.26 -4.96 1.00
C SER A 222 8.39 -4.25 1.76
N GLU A 223 9.47 -3.88 1.07
CA GLU A 223 10.53 -3.10 1.69
C GLU A 223 10.56 -1.68 1.19
N GLY A 224 9.54 -1.32 0.42
CA GLY A 224 9.44 0.00 -0.12
C GLY A 224 8.05 0.60 -0.07
N LEU A 225 7.39 0.58 -1.23
CA LEU A 225 6.11 1.24 -1.44
C LEU A 225 5.02 0.77 -0.46
N GLY A 226 5.02 -0.52 -0.13
CA GLY A 226 4.06 -1.04 0.83
C GLY A 226 4.20 -0.60 2.29
N MET A 227 5.42 -0.25 2.71
CA MET A 227 5.63 0.28 4.04
C MET A 227 4.89 1.62 4.17
N ARG A 228 5.00 2.46 3.16
CA ARG A 228 4.27 3.74 3.17
C ARG A 228 2.78 3.55 3.15
N TYR A 229 2.31 2.61 2.31
CA TYR A 229 0.88 2.39 2.13
C TYR A 229 0.18 1.77 3.34
N ALA A 230 0.92 1.23 4.31
CA ALA A 230 0.34 0.75 5.58
C ALA A 230 -0.27 1.89 6.40
N PHE A 231 0.15 3.12 6.12
CA PHE A 231 -0.23 4.25 6.92
C PHE A 231 -0.84 5.40 6.16
N ILE A 232 -0.42 5.59 4.93
CA ILE A 232 -0.87 6.71 4.12
C ILE A 232 -1.24 6.23 2.73
N GLY A 233 -2.35 6.73 2.22
CA GLY A 233 -2.78 6.34 0.89
C GLY A 233 -2.03 7.00 -0.24
N PRO A 234 -2.37 6.64 -1.49
CA PRO A 234 -1.59 7.07 -2.62
C PRO A 234 -1.72 8.57 -2.88
N LEU A 235 -2.86 9.13 -2.53
CA LEU A 235 -3.11 10.55 -2.77
C LEU A 235 -2.46 11.42 -1.70
N GLU A 236 -2.56 11.01 -0.44
CA GLU A 236 -1.82 11.68 0.60
C GLU A 236 -0.29 11.57 0.41
N THR A 237 0.17 10.48 -0.19
CA THR A 237 1.60 10.33 -0.47
C THR A 237 2.07 11.46 -1.37
N MET A 238 1.27 11.77 -2.37
CA MET A 238 1.59 12.86 -3.31
C MET A 238 1.70 14.18 -2.56
N HIS A 239 0.68 14.44 -1.76
CA HIS A 239 0.60 15.60 -0.89
C HIS A 239 1.86 15.83 -0.03
N LEU A 240 2.41 14.76 0.51
CA LEU A 240 3.52 14.87 1.46
C LEU A 240 4.90 14.83 0.80
N ASN A 241 4.98 14.25 -0.40
CA ASN A 241 6.24 14.03 -1.13
C ASN A 241 6.67 15.25 -1.96
N ALA A 242 5.87 16.31 -1.95
CA ALA A 242 6.34 17.62 -2.38
C ALA A 242 5.77 18.61 -1.40
N GLU A 243 5.74 19.89 -1.76
CA GLU A 243 5.15 20.91 -0.88
C GLU A 243 3.63 21.02 -1.11
N GLY A 244 2.94 19.92 -0.84
CA GLY A 244 1.52 19.78 -1.21
C GLY A 244 1.25 19.15 -2.58
N MET A 245 -0.02 18.80 -2.80
CA MET A 245 -0.49 18.12 -4.01
C MET A 245 -0.24 18.93 -5.29
N LEU A 246 -0.46 20.23 -5.26
CA LEU A 246 -0.24 21.01 -6.47
C LEU A 246 1.25 21.01 -6.85
N SER A 247 2.10 21.16 -5.85
CA SER A 247 3.55 21.11 -6.02
C SER A 247 3.99 19.79 -6.61
N TYR A 248 3.45 18.69 -6.07
CA TYR A 248 3.75 17.36 -6.57
C TYR A 248 3.37 17.18 -8.06
N CYS A 249 2.15 17.57 -8.41
CA CYS A 249 1.72 17.54 -9.81
C CYS A 249 2.61 18.38 -10.71
N ASP A 250 2.96 19.57 -10.23
CA ASP A 250 3.86 20.44 -10.98
C ASP A 250 5.22 19.77 -11.22
N ARG A 251 5.73 19.09 -10.21
CA ARG A 251 7.02 18.40 -10.34
C ARG A 251 6.97 17.10 -11.12
N TYR A 252 5.93 16.30 -10.95
CA TYR A 252 5.96 14.90 -11.32
C TYR A 252 4.96 14.46 -12.37
N SER A 253 3.95 15.28 -12.67
CA SER A 253 2.86 14.80 -13.52
C SER A 253 3.28 14.55 -14.97
N GLU A 254 4.20 15.35 -15.50
CA GLU A 254 4.74 15.10 -16.85
C GLU A 254 5.38 13.72 -16.92
N GLY A 255 6.14 13.39 -15.88
CA GLY A 255 6.75 12.09 -15.71
C GLY A 255 5.76 10.95 -15.55
N ILE A 256 4.68 11.17 -14.80
CA ILE A 256 3.70 10.13 -14.58
C ILE A 256 3.09 9.76 -15.93
N LYS A 257 2.75 10.77 -16.72
CA LYS A 257 2.18 10.54 -18.05
C LYS A 257 3.17 9.82 -18.96
N HIS A 258 4.44 10.26 -18.92
CA HIS A 258 5.50 9.64 -19.72
C HIS A 258 5.64 8.16 -19.40
N VAL A 259 5.63 7.83 -18.11
CA VAL A 259 5.73 6.44 -17.67
C VAL A 259 4.52 5.60 -18.07
N LEU A 260 3.32 6.15 -17.85
CA LEU A 260 2.09 5.44 -18.18
C LEU A 260 1.95 5.17 -19.69
N GLN A 261 2.45 6.09 -20.51
CA GLN A 261 2.40 5.92 -21.93
C GLN A 261 3.30 4.77 -22.44
N THR A 262 4.19 4.26 -21.57
CA THR A 262 5.01 3.09 -21.86
C THR A 262 4.43 1.75 -21.36
N PHE A 263 3.21 1.76 -20.83
CA PHE A 263 2.57 0.53 -20.37
C PHE A 263 2.19 -0.42 -21.52
N GLY A 264 2.46 -1.70 -21.32
CA GLY A 264 1.99 -2.74 -22.20
C GLY A 264 0.47 -2.88 -22.14
N PRO A 265 -0.08 -3.72 -23.02
CA PRO A 265 -1.54 -3.94 -22.97
C PRO A 265 -1.97 -4.76 -21.75
N ILE A 266 -3.27 -4.79 -21.49
CA ILE A 266 -3.85 -5.67 -20.47
C ILE A 266 -3.38 -7.11 -20.70
N PRO A 267 -2.81 -7.78 -19.67
CA PRO A 267 -2.39 -9.15 -19.88
C PRO A 267 -3.53 -10.09 -20.25
N GLU A 268 -3.20 -11.23 -20.87
CA GLU A 268 -4.17 -12.30 -21.08
C GLU A 268 -4.28 -13.13 -19.84
N PHE A 269 -3.25 -13.09 -19.02
CA PHE A 269 -3.12 -13.97 -17.85
C PHE A 269 -3.25 -15.37 -18.40
N SER A 270 -2.44 -15.68 -19.40
CA SER A 270 -2.49 -17.01 -20.02
C SER A 270 -2.04 -18.04 -18.99
N ARG A 271 -2.47 -19.25 -19.23
CA ARG A 271 -2.05 -20.41 -18.47
C ARG A 271 -0.53 -20.62 -18.55
N ALA A 272 0.05 -20.44 -19.74
CA ALA A 272 1.50 -20.49 -19.88
C ALA A 272 2.20 -19.49 -18.99
N THR A 273 1.74 -18.24 -18.96
CA THR A 273 2.41 -17.25 -18.12
C THR A 273 2.14 -17.53 -16.64
N ALA A 274 0.91 -17.87 -16.28
CA ALA A 274 0.55 -18.26 -14.90
C ALA A 274 1.46 -19.35 -14.41
N GLU A 275 1.73 -20.31 -15.27
CA GLU A 275 2.61 -21.42 -14.86
C GLU A 275 4.05 -20.98 -14.64
N LYS A 276 4.52 -20.00 -15.40
CA LYS A 276 5.88 -19.49 -15.19
C LYS A 276 5.94 -18.65 -13.91
N VAL A 277 4.96 -17.78 -13.66
CA VAL A 277 4.90 -17.02 -12.42
C VAL A 277 4.82 -17.97 -11.21
N ASN A 278 4.00 -19.02 -11.35
CA ASN A 278 3.78 -19.96 -10.25
C ASN A 278 5.08 -20.69 -9.93
N GLN A 279 5.82 -21.08 -10.96
CA GLN A 279 7.08 -21.77 -10.75
C GLN A 279 7.98 -20.89 -9.89
N ASP A 280 8.00 -19.59 -10.19
CA ASP A 280 8.79 -18.65 -9.39
C ASP A 280 8.26 -18.51 -7.95
N MET A 281 6.94 -18.39 -7.79
CA MET A 281 6.34 -18.26 -6.45
C MET A 281 6.68 -19.46 -5.59
N CYS A 282 6.74 -20.63 -6.22
CA CYS A 282 6.92 -21.88 -5.48
C CYS A 282 8.33 -22.04 -4.92
N MET A 283 9.28 -21.27 -5.45
CA MET A 283 10.63 -21.29 -4.93
C MET A 283 10.58 -20.82 -3.48
N LYS A 284 9.81 -19.78 -3.21
CA LYS A 284 9.69 -19.24 -1.82
C LYS A 284 8.58 -19.93 -1.04
N VAL A 285 7.42 -20.10 -1.68
CA VAL A 285 6.28 -20.71 -1.01
C VAL A 285 5.71 -21.86 -1.88
N PRO A 286 6.13 -23.08 -1.61
CA PRO A 286 5.65 -24.24 -2.36
C PRO A 286 4.12 -24.30 -2.35
N ASP A 287 3.50 -24.72 -3.47
CA ASP A 287 2.05 -24.59 -3.57
C ASP A 287 1.28 -25.81 -3.05
N ASP A 288 1.89 -26.57 -2.15
CA ASP A 288 1.15 -27.57 -1.44
C ASP A 288 0.41 -26.94 -0.22
N PRO A 289 -0.64 -27.62 0.25
CA PRO A 289 -1.47 -27.05 1.36
C PRO A 289 -0.74 -26.66 2.65
N GLU A 290 0.19 -27.49 3.13
CA GLU A 290 0.92 -27.25 4.36
CA GLU A 290 0.88 -27.19 4.37
C GLU A 290 1.77 -25.97 4.23
N HIS A 291 2.51 -25.86 3.13
CA HIS A 291 3.37 -24.66 2.93
C HIS A 291 2.58 -23.40 2.76
N LEU A 292 1.47 -23.50 2.03
CA LEU A 292 0.64 -22.34 1.82
C LEU A 292 0.01 -21.91 3.17
N ALA A 293 -0.50 -22.87 3.94
CA ALA A 293 -1.16 -22.58 5.23
C ALA A 293 -0.15 -21.99 6.21
N ALA A 294 1.07 -22.52 6.25
CA ALA A 294 2.13 -21.95 7.11
C ALA A 294 2.41 -20.47 6.77
N ARG A 295 2.47 -20.17 5.49
CA ARG A 295 2.76 -18.84 5.08
C ARG A 295 1.59 -17.90 5.37
N ARG A 296 0.35 -18.37 5.18
CA ARG A 296 -0.83 -17.57 5.53
C ARG A 296 -0.93 -17.31 7.02
N GLN A 297 -0.54 -18.26 7.84
CA GLN A 297 -0.54 -18.04 9.28
C GLN A 297 0.46 -16.93 9.66
N TRP A 298 1.65 -16.95 9.06
CA TRP A 298 2.61 -15.88 9.28
C TRP A 298 2.06 -14.55 8.79
N ARG A 299 1.49 -14.52 7.59
CA ARG A 299 0.83 -13.31 7.06
C ARG A 299 -0.17 -12.76 8.06
N ASP A 300 -1.00 -13.62 8.63
CA ASP A 300 -2.10 -13.16 9.48
C ASP A 300 -1.59 -12.63 10.81
N GLU A 301 -0.57 -13.27 11.36
CA GLU A 301 0.10 -12.78 12.54
C GLU A 301 0.67 -11.37 12.33
N CYS A 302 1.30 -11.15 11.19
CA CYS A 302 1.78 -9.84 10.83
C CYS A 302 0.63 -8.83 10.74
N LEU A 303 -0.47 -9.22 10.11
CA LEU A 303 -1.60 -8.31 9.96
C LEU A 303 -2.11 -7.90 11.32
N MET A 304 -2.18 -8.87 12.22
CA MET A 304 -2.66 -8.68 13.57
C MET A 304 -1.75 -7.74 14.33
N ARG A 305 -0.45 -7.93 14.20
CA ARG A 305 0.48 -7.03 14.86
C ARG A 305 0.43 -5.62 14.27
N LEU A 306 0.29 -5.51 12.96
CA LEU A 306 0.15 -4.21 12.35
C LEU A 306 -1.13 -3.50 12.80
N ALA A 307 -2.25 -4.23 12.87
CA ALA A 307 -3.51 -3.65 13.37
C ALA A 307 -3.33 -3.06 14.75
N LYS A 308 -2.62 -3.79 15.61
CA LYS A 308 -2.34 -3.31 16.96
C LYS A 308 -1.47 -2.05 16.98
N LEU A 309 -0.40 -2.03 16.18
CA LEU A 309 0.43 -0.84 16.00
C LEU A 309 -0.39 0.38 15.52
N LYS A 310 -1.20 0.20 14.50
CA LYS A 310 -2.03 1.30 13.94
C LYS A 310 -2.98 1.88 14.97
N SER A 311 -3.46 1.05 15.88
CA SER A 311 -4.40 1.49 16.88
C SER A 311 -3.71 2.36 17.92
N GLN A 312 -2.38 2.29 17.99
CA GLN A 312 -1.62 3.03 18.99
C GLN A 312 -1.06 4.36 18.51
N VAL A 313 -1.04 4.61 17.21
CA VAL A 313 -0.39 5.81 16.68
C VAL A 313 -1.38 6.88 16.21
N ALA B 3 38.47 4.05 0.62
CA ALA B 3 37.29 4.80 1.14
C ALA B 3 37.20 6.16 0.46
N GLY B 4 36.64 7.13 1.16
CA GLY B 4 36.43 8.49 0.63
C GLY B 4 35.13 9.04 1.23
N CYS B 5 34.82 10.30 0.95
CA CYS B 5 33.60 10.93 1.42
C CYS B 5 32.46 10.84 0.40
N VAL B 6 31.28 11.19 0.86
CA VAL B 6 30.08 11.18 0.03
C VAL B 6 29.65 12.62 -0.21
N VAL B 7 29.41 12.98 -1.46
CA VAL B 7 28.93 14.32 -1.80
C VAL B 7 27.47 14.23 -2.19
N ILE B 8 26.67 15.16 -1.67
CA ILE B 8 25.28 15.27 -2.02
C ILE B 8 25.15 16.50 -2.90
N VAL B 9 24.72 16.30 -4.15
CA VAL B 9 24.51 17.40 -5.06
C VAL B 9 23.01 17.67 -5.10
N GLY B 10 22.60 18.73 -4.39
CA GLY B 10 21.18 19.07 -4.23
C GLY B 10 20.77 18.76 -2.80
N SER B 11 20.72 19.78 -1.95
CA SER B 11 20.48 19.54 -0.53
CA SER B 11 20.49 19.57 -0.53
C SER B 11 19.01 19.78 -0.11
N GLY B 12 18.08 19.19 -0.87
CA GLY B 12 16.64 19.31 -0.62
C GLY B 12 16.15 18.11 0.18
N VAL B 13 14.90 17.70 -0.01
CA VAL B 13 14.30 16.66 0.87
C VAL B 13 15.11 15.36 0.80
N ILE B 14 15.33 14.90 -0.42
CA ILE B 14 16.05 13.65 -0.63
C ILE B 14 17.53 13.76 -0.28
N GLY B 15 18.18 14.86 -0.68
CA GLY B 15 19.58 15.06 -0.28
C GLY B 15 19.82 15.03 1.23
N ARG B 16 18.95 15.66 1.99
CA ARG B 16 19.03 15.67 3.46
C ARG B 16 18.90 14.27 4.06
N SER B 17 17.98 13.48 3.54
CA SER B 17 17.81 12.12 4.01
C SER B 17 19.03 11.27 3.71
N TRP B 18 19.56 11.37 2.49
CA TRP B 18 20.81 10.67 2.18
C TRP B 18 21.91 11.07 3.15
N ALA B 19 22.00 12.37 3.44
CA ALA B 19 23.08 12.86 4.32
C ALA B 19 23.04 12.17 5.69
N MET B 20 21.84 12.05 6.22
CA MET B 20 21.62 11.39 7.50
C MET B 20 21.92 9.92 7.43
N LEU B 21 21.61 9.30 6.30
CA LEU B 21 21.90 7.88 6.10
C LEU B 21 23.40 7.64 6.04
N PHE B 22 24.09 8.44 5.24
CA PHE B 22 25.53 8.24 5.06
C PHE B 22 26.32 8.52 6.34
N ALA B 23 25.94 9.57 7.06
CA ALA B 23 26.53 9.85 8.37
C ALA B 23 26.31 8.73 9.37
N SER B 24 25.13 8.11 9.39
CA SER B 24 24.86 6.96 10.28
C SER B 24 25.79 5.80 9.95
N GLY B 25 26.25 5.75 8.69
CA GLY B 25 27.20 4.73 8.25
C GLY B 25 28.66 5.08 8.50
N GLY B 26 28.91 6.23 9.09
CA GLY B 26 30.27 6.64 9.42
C GLY B 26 31.02 7.34 8.30
N PHE B 27 30.32 7.78 7.25
CA PHE B 27 30.96 8.46 6.13
C PHE B 27 30.88 9.97 6.32
N GLN B 28 31.97 10.65 5.96
CA GLN B 28 31.96 12.10 5.82
C GLN B 28 31.04 12.48 4.68
N VAL B 29 30.20 13.49 4.92
CA VAL B 29 29.24 13.96 3.95
C VAL B 29 29.50 15.42 3.67
N LYS B 30 29.58 15.78 2.40
CA LYS B 30 29.65 17.17 2.00
C LYS B 30 28.34 17.49 1.30
N LEU B 31 27.65 18.54 1.75
CA LEU B 31 26.44 19.04 1.12
C LEU B 31 26.73 20.19 0.14
N TYR B 32 26.30 20.01 -1.10
CA TYR B 32 26.42 21.03 -2.11
C TYR B 32 25.05 21.38 -2.67
N ASP B 33 24.89 22.62 -3.11
CA ASP B 33 23.66 23.05 -3.77
C ASP B 33 24.01 24.27 -4.58
N ILE B 34 23.22 24.56 -5.61
CA ILE B 34 23.40 25.78 -6.37
C ILE B 34 23.07 26.99 -5.52
N GLU B 35 22.17 26.82 -4.54
CA GLU B 35 21.88 27.93 -3.59
C GLU B 35 22.61 27.71 -2.27
N GLN B 36 23.56 28.60 -1.96
CA GLN B 36 24.29 28.51 -0.68
C GLN B 36 23.31 28.51 0.52
N GLN B 37 22.19 29.22 0.42
CA GLN B 37 21.19 29.22 1.48
C GLN B 37 20.63 27.83 1.76
N GLN B 38 20.45 27.02 0.72
CA GLN B 38 19.88 25.67 0.85
C GLN B 38 20.83 24.75 1.59
N ILE B 39 22.12 24.95 1.37
CA ILE B 39 23.13 24.23 2.14
C ILE B 39 22.93 24.59 3.62
N ARG B 40 22.78 25.88 3.91
CA ARG B 40 22.57 26.36 5.30
C ARG B 40 21.28 25.80 5.91
N ASN B 41 20.19 25.80 5.15
CA ASN B 41 18.91 25.23 5.63
C ASN B 41 19.00 23.73 5.87
N ALA B 42 19.64 23.03 4.95
CA ALA B 42 19.86 21.61 5.08
C ALA B 42 20.63 21.27 6.37
N LEU B 43 21.73 21.97 6.61
CA LEU B 43 22.54 21.70 7.79
C LEU B 43 21.73 22.02 9.04
N GLU B 44 21.04 23.16 9.06
CA GLU B 44 20.14 23.49 10.17
C GLU B 44 19.03 22.42 10.35
N ASN B 45 18.41 21.94 9.28
CA ASN B 45 17.38 20.90 9.35
C ASN B 45 17.95 19.60 9.88
N ILE B 46 19.14 19.26 9.42
CA ILE B 46 19.77 17.99 9.80
C ILE B 46 20.13 18.00 11.29
N ARG B 47 20.70 19.10 11.76
CA ARG B 47 21.08 19.21 13.17
C ARG B 47 19.89 19.10 14.08
N LYS B 48 18.82 19.82 13.73
CA LYS B 48 17.55 19.75 14.46
C LYS B 48 17.00 18.34 14.47
N GLU B 49 16.94 17.72 13.31
CA GLU B 49 16.36 16.39 13.23
C GLU B 49 17.16 15.35 14.03
N MET B 50 18.47 15.37 13.88
CA MET B 50 19.30 14.38 14.56
C MET B 50 19.19 14.50 16.05
N LYS B 51 19.05 15.72 16.57
CA LYS B 51 18.88 15.91 18.01
C LYS B 51 17.53 15.36 18.47
N LEU B 52 16.50 15.55 17.67
CA LEU B 52 15.17 15.06 18.01
C LEU B 52 15.19 13.54 17.97
N LEU B 53 15.88 12.97 16.98
CA LEU B 53 16.00 11.51 16.93
C LEU B 53 16.75 10.97 18.14
N GLU B 54 17.85 11.60 18.53
CA GLU B 54 18.57 11.17 19.73
C GLU B 54 17.66 11.18 20.97
N GLN B 55 16.83 12.22 21.09
CA GLN B 55 15.91 12.34 22.23
C GLN B 55 14.83 11.27 22.24
N ALA B 56 14.37 10.87 21.05
CA ALA B 56 13.42 9.76 20.91
C ALA B 56 14.10 8.40 20.97
N GLY B 57 15.43 8.33 20.99
CA GLY B 57 16.15 7.06 20.89
C GLY B 57 15.97 6.40 19.52
N SER B 58 15.85 7.21 18.47
CA SER B 58 15.60 6.73 17.12
C SER B 58 16.71 7.03 16.15
N LEU B 59 17.87 7.51 16.60
CA LEU B 59 18.94 7.80 15.65
C LEU B 59 19.54 6.49 15.17
N LYS B 60 19.66 6.37 13.86
CA LYS B 60 20.15 5.14 13.23
C LYS B 60 21.60 4.82 13.52
N GLY B 61 21.87 3.53 13.75
CA GLY B 61 23.23 3.02 13.89
C GLY B 61 23.78 3.18 15.27
N SER B 62 25.08 2.89 15.42
CA SER B 62 25.75 2.94 16.71
CA SER B 62 25.78 2.92 16.70
C SER B 62 26.47 4.27 16.95
N LEU B 63 26.52 5.14 15.93
CA LEU B 63 27.21 6.43 16.11
C LEU B 63 26.29 7.41 16.85
N SER B 64 26.86 8.08 17.84
CA SER B 64 26.14 9.08 18.62
C SER B 64 25.76 10.27 17.75
N VAL B 65 24.90 11.14 18.28
CA VAL B 65 24.50 12.35 17.55
C VAL B 65 25.77 13.27 17.34
N GLU B 66 26.69 13.29 18.30
CA GLU B 66 27.85 14.17 18.19
C GLU B 66 28.84 13.67 17.13
N GLU B 67 28.97 12.36 16.99
CA GLU B 67 29.78 11.78 15.93
C GLU B 67 29.17 11.98 14.56
N GLN B 68 27.87 11.78 14.45
CA GLN B 68 27.18 11.92 13.17
C GLN B 68 27.15 13.38 12.71
N LEU B 69 26.82 14.31 13.60
CA LEU B 69 26.87 15.71 13.22
C LEU B 69 28.26 16.18 12.82
N SER B 70 29.30 15.56 13.39
CA SER B 70 30.66 15.90 13.05
CA SER B 70 30.66 15.91 13.06
C SER B 70 31.02 15.46 11.63
N LEU B 71 30.24 14.54 11.07
CA LEU B 71 30.49 14.00 9.75
C LEU B 71 29.87 14.79 8.59
N ILE B 72 28.97 15.72 8.89
CA ILE B 72 28.25 16.44 7.85
C ILE B 72 28.71 17.88 7.75
N SER B 73 29.18 18.29 6.56
CA SER B 73 29.56 19.69 6.32
C SER B 73 29.00 20.25 5.01
N GLY B 74 28.94 21.57 4.93
CA GLY B 74 28.55 22.24 3.69
C GLY B 74 29.76 22.49 2.81
N CYS B 75 29.53 22.48 1.51
CA CYS B 75 30.57 22.77 0.56
C CYS B 75 30.00 23.45 -0.68
N PRO B 76 30.00 24.78 -0.69
CA PRO B 76 29.37 25.46 -1.83
C PRO B 76 30.16 25.40 -3.15
N ASN B 77 31.45 25.06 -3.09
CA ASN B 77 32.28 24.92 -4.31
C ASN B 77 32.25 23.47 -4.82
N ILE B 78 31.67 23.28 -6.00
CA ILE B 78 31.50 21.92 -6.52
C ILE B 78 32.84 21.18 -6.72
N GLN B 79 33.88 21.92 -7.08
CA GLN B 79 35.20 21.37 -7.32
C GLN B 79 35.87 20.91 -6.03
N GLU B 80 35.80 21.75 -4.99
CA GLU B 80 36.21 21.32 -3.67
C GLU B 80 35.39 20.09 -3.22
N ALA B 81 34.08 20.10 -3.48
CA ALA B 81 33.23 18.96 -3.06
C ALA B 81 33.74 17.64 -3.63
N VAL B 82 33.99 17.59 -4.93
CA VAL B 82 34.25 16.31 -5.59
C VAL B 82 35.67 15.81 -5.36
N GLU B 83 36.58 16.71 -4.94
CA GLU B 83 37.93 16.32 -4.53
C GLU B 83 37.94 15.26 -3.42
N GLY B 84 38.55 14.10 -3.71
CA GLY B 84 38.61 12.96 -2.79
C GLY B 84 37.33 12.15 -2.56
N ALA B 85 36.30 12.39 -3.35
CA ALA B 85 34.99 11.76 -3.09
C ALA B 85 34.98 10.31 -3.60
N MET B 86 34.22 9.45 -2.90
CA MET B 86 34.07 8.04 -3.31
C MET B 86 32.71 7.84 -3.99
N HIS B 87 31.73 8.65 -3.61
CA HIS B 87 30.38 8.51 -4.13
C HIS B 87 29.73 9.89 -4.20
N ILE B 88 29.16 10.24 -5.35
CA ILE B 88 28.36 11.47 -5.49
C ILE B 88 26.91 11.08 -5.74
N GLN B 89 26.03 11.48 -4.83
CA GLN B 89 24.59 11.25 -4.99
C GLN B 89 23.88 12.54 -5.40
N GLU B 90 23.31 12.53 -6.60
CA GLU B 90 22.59 13.67 -7.15
C GLU B 90 21.09 13.64 -6.75
N CYS B 91 20.60 14.77 -6.26
CA CYS B 91 19.27 14.91 -5.70
C CYS B 91 18.70 16.29 -6.08
N VAL B 92 18.87 16.67 -7.34
CA VAL B 92 18.31 17.93 -7.84
C VAL B 92 16.93 17.60 -8.41
N PRO B 93 16.14 18.62 -8.77
CA PRO B 93 14.80 18.32 -9.29
C PRO B 93 14.72 17.34 -10.46
N GLU B 94 13.58 16.67 -10.54
CA GLU B 94 13.34 15.65 -11.56
C GLU B 94 13.12 16.36 -12.89
N ASP B 95 14.23 16.76 -13.50
CA ASP B 95 14.24 17.59 -14.69
C ASP B 95 15.38 17.02 -15.55
N LEU B 96 15.05 16.38 -16.66
CA LEU B 96 16.06 15.63 -17.44
C LEU B 96 17.17 16.55 -17.95
N GLU B 97 16.77 17.69 -18.49
CA GLU B 97 17.75 18.60 -19.09
C GLU B 97 18.66 19.17 -18.01
N LEU B 98 18.10 19.45 -16.83
CA LEU B 98 18.91 19.88 -15.70
C LEU B 98 19.92 18.82 -15.27
N LYS B 99 19.47 17.59 -15.08
CA LYS B 99 20.37 16.57 -14.53
C LYS B 99 21.51 16.32 -15.52
N LYS B 100 21.14 16.32 -16.80
CA LYS B 100 22.11 16.08 -17.86
C LYS B 100 23.14 17.17 -17.82
N LYS B 101 22.69 18.42 -17.63
CA LYS B 101 23.60 19.59 -17.54
C LYS B 101 24.58 19.40 -16.38
N ILE B 102 24.08 19.00 -15.22
CA ILE B 102 24.93 18.75 -14.06
C ILE B 102 25.93 17.60 -14.27
N PHE B 103 25.48 16.50 -14.84
CA PHE B 103 26.37 15.36 -15.08
C PHE B 103 27.45 15.68 -16.11
N ALA B 104 27.14 16.55 -17.08
CA ALA B 104 28.13 17.02 -18.03
C ALA B 104 29.18 17.83 -17.31
N GLN B 105 28.75 18.64 -16.35
CA GLN B 105 29.66 19.47 -15.57
C GLN B 105 30.53 18.64 -14.63
N LEU B 106 29.94 17.66 -13.97
CA LEU B 106 30.69 16.75 -13.13
C LEU B 106 31.62 15.88 -13.95
N ASP B 107 31.18 15.52 -15.16
CA ASP B 107 31.96 14.71 -16.09
C ASP B 107 33.36 15.31 -16.35
N SER B 108 33.42 16.65 -16.43
CA SER B 108 34.64 17.34 -16.78
C SER B 108 35.63 17.48 -15.64
N ILE B 109 35.20 17.25 -14.40
CA ILE B 109 36.06 17.49 -13.22
C ILE B 109 36.24 16.31 -12.24
N ILE B 110 35.58 15.18 -12.43
CA ILE B 110 35.76 14.04 -11.52
C ILE B 110 36.91 13.13 -11.97
N ASP B 111 37.43 12.31 -11.05
CA ASP B 111 38.44 11.29 -11.39
C ASP B 111 37.78 9.96 -11.82
N ASP B 112 38.56 8.89 -11.96
CA ASP B 112 38.07 7.58 -12.41
C ASP B 112 37.54 6.64 -11.31
N ARG B 113 37.73 7.00 -10.04
CA ARG B 113 37.32 6.15 -8.90
C ARG B 113 35.96 6.53 -8.31
N VAL B 114 35.50 7.75 -8.55
CA VAL B 114 34.29 8.23 -7.93
C VAL B 114 33.08 7.70 -8.69
N ILE B 115 32.08 7.25 -7.93
CA ILE B 115 30.80 6.83 -8.51
C ILE B 115 29.81 7.96 -8.52
N LEU B 116 29.13 8.11 -9.65
CA LEU B 116 28.16 9.15 -9.86
C LEU B 116 26.82 8.51 -9.95
N SER B 117 25.91 8.91 -9.06
CA SER B 117 24.68 8.17 -8.83
C SER B 117 23.51 9.11 -8.72
N SER B 118 22.41 8.83 -9.42
CA SER B 118 21.23 9.72 -9.39
C SER B 118 20.13 9.14 -8.51
N SER B 119 19.44 10.03 -7.82
CA SER B 119 18.25 9.69 -7.03
C SER B 119 16.96 9.73 -7.87
N THR B 120 17.10 9.92 -9.18
CA THR B 120 15.93 10.07 -10.03
C THR B 120 14.82 9.04 -9.73
N SER B 121 13.61 9.53 -9.75
CA SER B 121 12.43 8.71 -9.64
C SER B 121 12.14 7.85 -10.86
N CYS B 122 12.40 8.36 -12.07
CA CYS B 122 11.98 7.67 -13.28
C CYS B 122 12.92 7.69 -14.48
N LEU B 123 13.95 8.53 -14.48
CA LEU B 123 14.61 8.89 -15.73
C LEU B 123 15.64 7.82 -16.01
N MET B 124 15.64 7.29 -17.22
CA MET B 124 16.51 6.18 -17.56
C MET B 124 18.01 6.56 -17.63
N PRO B 125 18.89 5.69 -17.11
CA PRO B 125 20.34 5.83 -17.16
C PRO B 125 20.84 6.15 -18.57
N SER B 126 20.30 5.46 -19.57
CA SER B 126 20.74 5.66 -20.93
C SER B 126 20.44 7.08 -21.44
N LYS B 127 19.49 7.79 -20.85
CA LYS B 127 19.29 9.21 -21.14
C LYS B 127 20.19 10.09 -20.26
N LEU B 128 20.19 9.82 -18.96
CA LEU B 128 20.92 10.64 -18.00
C LEU B 128 22.40 10.76 -18.28
N PHE B 129 23.01 9.62 -18.60
CA PHE B 129 24.46 9.49 -18.68
C PHE B 129 24.95 9.32 -20.11
N ALA B 130 24.12 9.69 -21.08
CA ALA B 130 24.46 9.56 -22.49
C ALA B 130 25.67 10.42 -22.75
N GLY B 131 26.67 9.82 -23.39
CA GLY B 131 27.87 10.53 -23.86
C GLY B 131 28.79 11.08 -22.78
N LEU B 132 28.76 10.53 -21.56
CA LEU B 132 29.72 10.90 -20.54
C LEU B 132 31.02 10.08 -20.67
N VAL B 133 32.17 10.74 -20.59
CA VAL B 133 33.46 10.04 -20.55
C VAL B 133 33.48 9.03 -19.40
N HIS B 134 32.88 9.39 -18.28
CA HIS B 134 32.93 8.55 -17.07
C HIS B 134 31.70 7.68 -16.88
N VAL B 135 31.07 7.32 -17.99
CA VAL B 135 29.85 6.52 -17.97
C VAL B 135 29.95 5.25 -17.12
N LYS B 136 31.13 4.63 -17.13
CA LYS B 136 31.36 3.37 -16.42
C LYS B 136 31.11 3.53 -14.94
N GLN B 137 31.21 4.78 -14.48
CA GLN B 137 31.09 5.12 -13.06
C GLN B 137 29.68 5.59 -12.68
N CYS B 138 28.75 5.53 -13.63
CA CYS B 138 27.42 6.10 -13.46
C CYS B 138 26.37 5.05 -13.15
N ILE B 139 25.44 5.41 -12.26
CA ILE B 139 24.35 4.51 -11.86
C ILE B 139 23.17 5.31 -11.33
N VAL B 140 21.98 4.74 -11.37
CA VAL B 140 20.82 5.29 -10.63
C VAL B 140 20.67 4.47 -9.38
N ALA B 141 20.48 5.17 -8.26
CA ALA B 141 20.20 4.58 -6.99
C ALA B 141 19.03 5.38 -6.49
N HIS B 142 17.82 4.90 -6.79
CA HIS B 142 16.59 5.61 -6.47
C HIS B 142 16.03 5.13 -5.14
N PRO B 143 15.94 6.02 -4.15
CA PRO B 143 15.37 5.68 -2.84
C PRO B 143 13.86 5.93 -2.77
N VAL B 144 13.25 5.58 -1.64
CA VAL B 144 11.83 5.79 -1.44
C VAL B 144 11.63 6.78 -0.29
N ASN B 145 10.83 7.81 -0.51
CA ASN B 145 10.67 8.84 0.50
C ASN B 145 9.83 8.39 1.68
N PRO B 146 10.36 8.43 2.92
CA PRO B 146 11.61 8.94 3.44
C PRO B 146 12.63 7.82 3.53
N PRO B 147 13.77 8.00 2.88
CA PRO B 147 14.81 6.99 2.78
C PRO B 147 15.42 6.58 4.10
N TYR B 148 15.35 7.48 5.08
CA TYR B 148 15.87 7.20 6.39
C TYR B 148 15.03 6.10 7.04
N TYR B 149 13.79 5.94 6.61
CA TYR B 149 12.88 4.96 7.24
C TYR B 149 12.45 3.80 6.31
N ILE B 150 12.55 4.01 5.01
CA ILE B 150 12.13 2.99 4.02
C ILE B 150 13.41 2.58 3.31
N PRO B 151 13.79 1.28 3.43
CA PRO B 151 15.13 0.89 3.00
C PRO B 151 15.36 0.57 1.52
N LEU B 152 14.31 0.35 0.75
CA LEU B 152 14.49 -0.07 -0.61
C LEU B 152 15.24 1.00 -1.41
N VAL B 153 16.30 0.55 -2.12
CA VAL B 153 16.96 1.41 -3.08
C VAL B 153 17.06 0.66 -4.41
N GLU B 154 16.44 1.19 -5.46
CA GLU B 154 16.54 0.57 -6.78
C GLU B 154 17.85 0.95 -7.48
N LEU B 155 18.62 -0.04 -7.92
CA LEU B 155 19.92 0.19 -8.58
C LEU B 155 19.71 -0.09 -10.04
N VAL B 156 19.88 0.93 -10.88
CA VAL B 156 19.65 0.80 -12.32
C VAL B 156 20.88 1.33 -13.08
N PRO B 157 21.73 0.43 -13.58
CA PRO B 157 22.90 0.85 -14.32
C PRO B 157 22.64 1.28 -15.76
N HIS B 158 23.58 2.04 -16.30
CA HIS B 158 23.64 2.31 -17.72
C HIS B 158 24.12 1.00 -18.38
N PRO B 159 23.86 0.82 -19.69
CA PRO B 159 24.44 -0.35 -20.35
C PRO B 159 25.97 -0.46 -20.24
N GLU B 160 26.67 0.65 -20.11
CA GLU B 160 28.13 0.63 -20.03
C GLU B 160 28.63 0.87 -18.61
N THR B 161 27.73 0.87 -17.63
CA THR B 161 28.17 0.91 -16.23
C THR B 161 29.04 -0.31 -15.92
N ALA B 162 30.19 -0.09 -15.27
CA ALA B 162 31.10 -1.20 -14.97
C ALA B 162 30.49 -2.06 -13.85
N PRO B 163 30.76 -3.36 -13.88
CA PRO B 163 30.25 -4.20 -12.79
C PRO B 163 30.79 -3.76 -11.43
N THR B 164 32.02 -3.24 -11.41
CA THR B 164 32.60 -2.62 -10.21
C THR B 164 31.70 -1.50 -9.64
N THR B 165 31.16 -0.67 -10.52
CA THR B 165 30.26 0.40 -10.09
C THR B 165 29.00 -0.17 -9.40
N VAL B 166 28.37 -1.18 -10.01
CA VAL B 166 27.20 -1.82 -9.41
C VAL B 166 27.55 -2.53 -8.08
N ASP B 167 28.63 -3.27 -8.03
CA ASP B 167 29.01 -3.97 -6.79
C ASP B 167 29.31 -3.00 -5.62
N ARG B 168 30.08 -1.96 -5.89
CA ARG B 168 30.42 -0.97 -4.87
C ARG B 168 29.21 -0.24 -4.34
N THR B 169 28.30 0.14 -5.24
CA THR B 169 27.10 0.85 -4.86
C THR B 169 26.19 -0.04 -4.02
N HIS B 170 26.06 -1.29 -4.44
CA HIS B 170 25.31 -2.30 -3.68
C HIS B 170 25.85 -2.45 -2.24
N ALA B 171 27.16 -2.68 -2.14
CA ALA B 171 27.84 -2.79 -0.86
C ALA B 171 27.66 -1.52 0.00
N LEU B 172 27.78 -0.33 -0.62
CA LEU B 172 27.55 0.93 0.10
C LEU B 172 26.16 1.01 0.68
N MET B 173 25.17 0.72 -0.13
CA MET B 173 23.79 0.77 0.28
C MET B 173 23.53 -0.23 1.42
N LYS B 174 24.12 -1.41 1.34
CA LYS B 174 23.98 -2.39 2.42
C LYS B 174 24.63 -1.89 3.71
N LYS B 175 25.79 -1.23 3.59
CA LYS B 175 26.53 -0.80 4.78
C LYS B 175 25.80 0.30 5.55
N ILE B 176 25.07 1.17 4.86
CA ILE B 176 24.21 2.15 5.51
C ILE B 176 22.80 1.62 5.88
N GLY B 177 22.54 0.33 5.70
CA GLY B 177 21.30 -0.27 6.21
C GLY B 177 20.15 -0.27 5.21
N GLN B 178 20.43 0.07 3.96
CA GLN B 178 19.40 0.05 2.94
C GLN B 178 19.30 -1.34 2.32
N CYS B 179 18.27 -1.48 1.49
CA CYS B 179 18.02 -2.71 0.77
CA CYS B 179 17.99 -2.71 0.78
C CYS B 179 18.17 -2.45 -0.71
N PRO B 180 19.41 -2.56 -1.22
CA PRO B 180 19.60 -2.33 -2.64
C PRO B 180 18.98 -3.46 -3.48
N MET B 181 18.36 -3.07 -4.60
CA MET B 181 17.62 -3.99 -5.45
C MET B 181 18.03 -3.66 -6.89
N ARG B 182 18.67 -4.61 -7.55
CA ARG B 182 19.13 -4.41 -8.92
C ARG B 182 17.95 -4.56 -9.86
N VAL B 183 17.71 -3.58 -10.70
CA VAL B 183 16.69 -3.73 -11.72
C VAL B 183 17.37 -4.28 -12.95
N GLN B 184 16.93 -5.44 -13.42
CA GLN B 184 17.61 -6.14 -14.52
C GLN B 184 17.54 -5.41 -15.86
N LYS B 185 16.42 -4.82 -16.18
CA LYS B 185 16.22 -4.21 -17.49
C LYS B 185 15.70 -2.78 -17.32
N GLU B 186 15.98 -1.96 -18.31
CA GLU B 186 15.80 -0.51 -18.23
C GLU B 186 14.42 -0.15 -18.75
N VAL B 187 13.59 0.40 -17.86
CA VAL B 187 12.28 0.91 -18.25
C VAL B 187 12.03 2.23 -17.53
N ALA B 188 11.21 3.09 -18.13
CA ALA B 188 10.85 4.38 -17.54
C ALA B 188 10.13 4.14 -16.24
N GLY B 189 10.59 4.78 -15.18
CA GLY B 189 9.96 4.58 -13.87
C GLY B 189 10.41 3.34 -13.11
N PHE B 190 11.32 2.59 -13.69
CA PHE B 190 11.89 1.41 -13.04
C PHE B 190 10.80 0.44 -12.58
N VAL B 191 10.82 -0.04 -11.35
CA VAL B 191 9.78 -0.96 -10.91
C VAL B 191 8.80 -0.22 -9.99
N LEU B 192 9.31 0.43 -8.95
CA LEU B 192 8.45 0.99 -7.93
C LEU B 192 7.46 2.04 -8.47
N ASN B 193 8.00 3.01 -9.21
CA ASN B 193 7.16 4.07 -9.73
C ASN B 193 6.22 3.65 -10.83
N ARG B 194 6.56 2.58 -11.54
CA ARG B 194 5.57 2.03 -12.48
C ARG B 194 4.35 1.52 -11.70
N LEU B 195 4.60 0.75 -10.64
CA LEU B 195 3.50 0.31 -9.79
C LEU B 195 2.76 1.49 -9.13
N GLN B 196 3.51 2.46 -8.61
CA GLN B 196 2.91 3.60 -7.97
C GLN B 196 2.02 4.40 -8.91
N TYR B 197 2.51 4.63 -10.10
CA TYR B 197 1.78 5.42 -11.08
C TYR B 197 0.52 4.72 -11.61
N ALA B 198 0.57 3.39 -11.69
CA ALA B 198 -0.63 2.57 -11.98
C ALA B 198 -1.77 2.85 -10.99
N ILE B 199 -1.43 2.86 -9.71
CA ILE B 199 -2.36 3.21 -8.60
C ILE B 199 -2.81 4.66 -8.62
N ILE B 200 -1.87 5.59 -8.70
CA ILE B 200 -2.18 6.99 -8.68
C ILE B 200 -3.14 7.32 -9.83
N SER B 201 -2.88 6.77 -11.02
CA SER B 201 -3.67 7.02 -12.24
CA SER B 201 -3.69 7.10 -12.20
C SER B 201 -5.13 6.58 -12.06
N GLU B 202 -5.30 5.39 -11.50
CA GLU B 202 -6.65 4.88 -11.29
C GLU B 202 -7.37 5.62 -10.17
N ALA B 203 -6.65 5.92 -9.09
CA ALA B 203 -7.17 6.73 -8.01
C ALA B 203 -7.63 8.07 -8.52
N TRP B 204 -6.82 8.70 -9.37
CA TRP B 204 -7.11 10.02 -9.89
C TRP B 204 -8.42 10.00 -10.67
N ARG B 205 -8.57 8.99 -11.53
CA ARG B 205 -9.77 8.83 -12.35
C ARG B 205 -11.02 8.60 -11.47
N LEU B 206 -10.90 7.75 -10.46
CA LEU B 206 -12.05 7.44 -9.56
C LEU B 206 -12.53 8.66 -8.82
N VAL B 207 -11.59 9.44 -8.36
CA VAL B 207 -11.92 10.67 -7.72
C VAL B 207 -12.56 11.67 -8.68
N GLU B 208 -11.99 11.78 -9.88
CA GLU B 208 -12.43 12.77 -10.86
C GLU B 208 -13.84 12.44 -11.33
N GLU B 209 -14.14 11.15 -11.45
CA GLU B 209 -15.45 10.68 -11.88
C GLU B 209 -16.49 10.70 -10.74
N GLY B 210 -16.10 11.08 -9.53
CA GLY B 210 -17.06 11.13 -8.41
C GLY B 210 -17.44 9.76 -7.83
N ILE B 211 -16.58 8.77 -7.97
CA ILE B 211 -16.88 7.43 -7.45
C ILE B 211 -16.56 7.37 -5.97
N VAL B 212 -15.59 8.16 -5.53
CA VAL B 212 -15.06 8.05 -4.17
C VAL B 212 -14.35 9.37 -3.81
N SER B 213 -14.39 9.76 -2.53
CA SER B 213 -13.64 10.92 -2.06
C SER B 213 -12.17 10.55 -1.93
N PRO B 214 -11.26 11.53 -2.06
CA PRO B 214 -9.84 11.27 -1.90
C PRO B 214 -9.51 10.66 -0.58
N SER B 215 -10.14 11.20 0.49
CA SER B 215 -9.93 10.68 1.83
CA SER B 215 -9.88 10.67 1.82
C SER B 215 -10.38 9.22 1.93
N ASP B 216 -11.56 8.91 1.41
CA ASP B 216 -12.03 7.54 1.46
C ASP B 216 -11.19 6.63 0.60
N LEU B 217 -10.76 7.11 -0.56
CA LEU B 217 -9.89 6.26 -1.40
C LEU B 217 -8.60 5.95 -0.65
N ASP B 218 -8.04 6.93 0.04
CA ASP B 218 -6.81 6.65 0.79
C ASP B 218 -7.01 5.56 1.88
N LEU B 219 -8.21 5.50 2.48
CA LEU B 219 -8.51 4.49 3.51
C LEU B 219 -8.46 3.06 2.97
N VAL B 220 -8.91 2.91 1.72
CA VAL B 220 -8.90 1.62 1.04
C VAL B 220 -7.47 1.07 1.03
N MET B 221 -6.49 1.94 0.89
CA MET B 221 -5.08 1.52 0.96
C MET B 221 -4.63 1.37 2.40
N SER B 222 -4.74 2.44 3.18
CA SER B 222 -4.13 2.47 4.52
C SER B 222 -4.83 1.55 5.54
N GLU B 223 -6.12 1.26 5.36
CA GLU B 223 -6.84 0.37 6.27
C GLU B 223 -7.24 -0.92 5.60
N GLY B 224 -6.69 -1.16 4.42
CA GLY B 224 -7.04 -2.31 3.60
C GLY B 224 -5.84 -2.94 2.92
N LEU B 225 -5.69 -2.62 1.65
CA LEU B 225 -4.68 -3.24 0.81
C LEU B 225 -3.23 -3.00 1.33
N GLY B 226 -2.96 -1.81 1.87
CA GLY B 226 -1.66 -1.47 2.32
C GLY B 226 -1.21 -2.29 3.49
N MET B 227 -2.15 -2.80 4.28
CA MET B 227 -1.76 -3.63 5.41
C MET B 227 -1.07 -4.93 4.93
N ARG B 228 -1.50 -5.47 3.79
CA ARG B 228 -0.85 -6.67 3.22
C ARG B 228 0.51 -6.33 2.64
N TYR B 229 0.53 -5.23 1.92
CA TYR B 229 1.70 -4.85 1.15
C TYR B 229 2.87 -4.41 2.00
N ALA B 230 2.64 -4.05 3.26
CA ALA B 230 3.72 -3.80 4.23
C ALA B 230 4.59 -5.05 4.46
N PHE B 231 4.03 -6.23 4.17
CA PHE B 231 4.68 -7.51 4.45
C PHE B 231 4.95 -8.40 3.22
N ILE B 232 4.04 -8.37 2.26
CA ILE B 232 4.07 -9.28 1.13
C ILE B 232 3.64 -8.52 -0.08
N GLY B 233 4.37 -8.69 -1.16
CA GLY B 233 4.06 -7.97 -2.37
C GLY B 233 2.85 -8.54 -3.10
N PRO B 234 2.55 -7.95 -4.26
CA PRO B 234 1.29 -8.23 -4.92
C PRO B 234 1.17 -9.64 -5.52
N LEU B 235 2.30 -10.25 -5.89
CA LEU B 235 2.25 -11.56 -6.57
C LEU B 235 2.09 -12.64 -5.51
N GLU B 236 2.88 -12.56 -4.45
CA GLU B 236 2.69 -13.50 -3.36
C GLU B 236 1.32 -13.33 -2.67
N THR B 237 0.78 -12.10 -2.66
CA THR B 237 -0.55 -11.86 -2.11
C THR B 237 -1.56 -12.76 -2.85
N MET B 238 -1.47 -12.77 -4.18
CA MET B 238 -2.34 -13.59 -5.03
C MET B 238 -2.18 -15.06 -4.74
N HIS B 239 -0.92 -15.48 -4.64
CA HIS B 239 -0.53 -16.85 -4.37
C HIS B 239 -1.17 -17.36 -3.08
N LEU B 240 -1.32 -16.48 -2.08
CA LEU B 240 -1.88 -16.87 -0.76
C LEU B 240 -3.40 -16.65 -0.70
N ASN B 241 -3.92 -15.82 -1.59
CA ASN B 241 -5.36 -15.50 -1.63
C ASN B 241 -6.21 -16.55 -2.36
N ALA B 242 -5.57 -17.60 -2.81
CA ALA B 242 -6.23 -18.80 -3.30
C ALA B 242 -5.26 -19.87 -2.88
N GLU B 243 -5.48 -21.11 -3.31
CA GLU B 243 -4.53 -22.18 -3.01
C GLU B 243 -3.42 -22.17 -4.06
N GLY B 244 -2.64 -21.11 -4.10
CA GLY B 244 -1.55 -20.99 -5.09
C GLY B 244 -1.97 -20.10 -6.27
N MET B 245 -0.96 -19.61 -6.97
CA MET B 245 -1.11 -18.68 -8.10
C MET B 245 -1.95 -19.30 -9.23
N LEU B 246 -1.84 -20.61 -9.44
CA LEU B 246 -2.58 -21.25 -10.55
C LEU B 246 -4.08 -21.16 -10.29
N SER B 247 -4.48 -21.50 -9.07
CA SER B 247 -5.87 -21.43 -8.64
CA SER B 247 -5.88 -21.43 -8.64
C SER B 247 -6.35 -19.97 -8.58
N TYR B 248 -5.46 -19.07 -8.17
CA TYR B 248 -5.82 -17.67 -8.16
C TYR B 248 -6.21 -17.20 -9.55
N CYS B 249 -5.39 -17.54 -10.53
CA CYS B 249 -5.68 -17.12 -11.92
C CYS B 249 -6.93 -17.80 -12.47
N ASP B 250 -7.11 -19.08 -12.14
CA ASP B 250 -8.36 -19.82 -12.45
C ASP B 250 -9.61 -19.04 -11.97
N ARG B 251 -9.61 -18.62 -10.71
CA ARG B 251 -10.78 -17.99 -10.10
C ARG B 251 -10.96 -16.55 -10.59
N TYR B 252 -9.87 -15.82 -10.75
CA TYR B 252 -9.96 -14.33 -10.86
C TYR B 252 -9.53 -13.69 -12.17
N SER B 253 -8.86 -14.41 -13.06
CA SER B 253 -8.23 -13.71 -14.19
C SER B 253 -9.29 -13.07 -15.09
N GLU B 254 -10.42 -13.75 -15.28
CA GLU B 254 -11.52 -13.22 -16.05
C GLU B 254 -12.06 -11.89 -15.48
N GLY B 255 -12.31 -11.87 -14.18
CA GLY B 255 -12.73 -10.65 -13.49
C GLY B 255 -11.69 -9.54 -13.54
N ILE B 256 -10.40 -9.89 -13.43
CA ILE B 256 -9.34 -8.89 -13.46
C ILE B 256 -9.35 -8.21 -14.83
N LYS B 257 -9.42 -9.00 -15.88
CA LYS B 257 -9.41 -8.43 -17.21
C LYS B 257 -10.65 -7.61 -17.43
N HIS B 258 -11.81 -8.09 -16.97
CA HIS B 258 -13.05 -7.31 -17.07
C HIS B 258 -12.94 -5.91 -16.39
N VAL B 259 -12.36 -5.87 -15.20
CA VAL B 259 -12.20 -4.63 -14.46
C VAL B 259 -11.23 -3.72 -15.22
N LEU B 260 -10.10 -4.25 -15.64
CA LEU B 260 -9.11 -3.49 -16.35
C LEU B 260 -9.63 -2.91 -17.67
N GLN B 261 -10.49 -3.63 -18.37
CA GLN B 261 -11.04 -3.12 -19.63
C GLN B 261 -11.90 -1.87 -19.38
N THR B 262 -12.37 -1.64 -18.14
CA THR B 262 -13.16 -0.43 -17.84
C THR B 262 -12.28 0.78 -17.44
N PHE B 263 -10.97 0.63 -17.37
CA PHE B 263 -10.13 1.76 -16.95
C PHE B 263 -10.20 2.85 -18.01
N GLY B 264 -10.33 4.10 -17.58
CA GLY B 264 -10.34 5.23 -18.51
C GLY B 264 -8.91 5.55 -18.91
N PRO B 265 -8.75 6.59 -19.72
CA PRO B 265 -7.45 6.94 -20.29
C PRO B 265 -6.52 7.57 -19.28
N ILE B 266 -5.25 7.63 -19.63
CA ILE B 266 -4.25 8.31 -18.79
C ILE B 266 -4.77 9.70 -18.56
N PRO B 267 -4.82 10.16 -17.29
CA PRO B 267 -5.25 11.50 -17.02
C PRO B 267 -4.35 12.59 -17.61
N GLU B 268 -4.94 13.74 -17.84
CA GLU B 268 -4.18 14.94 -18.13
C GLU B 268 -3.43 15.48 -16.92
N PHE B 269 -3.90 15.13 -15.72
CA PHE B 269 -3.51 15.83 -14.48
C PHE B 269 -3.67 17.32 -14.56
N SER B 270 -4.82 17.77 -15.02
CA SER B 270 -5.09 19.20 -15.19
C SER B 270 -5.04 19.98 -13.86
N ARG B 271 -4.82 21.29 -13.96
CA ARG B 271 -4.91 22.19 -12.81
C ARG B 271 -6.26 22.02 -12.17
N ALA B 272 -7.30 22.22 -12.97
CA ALA B 272 -8.68 22.14 -12.52
C ALA B 272 -8.94 20.94 -11.62
N THR B 273 -8.50 19.75 -12.04
CA THR B 273 -8.73 18.52 -11.30
C THR B 273 -7.81 18.42 -10.09
N ALA B 274 -6.58 18.91 -10.26
CA ALA B 274 -5.60 18.89 -9.17
C ALA B 274 -6.08 19.81 -8.05
N GLU B 275 -6.62 20.98 -8.43
CA GLU B 275 -7.23 21.94 -7.48
C GLU B 275 -8.36 21.25 -6.70
N LYS B 276 -9.21 20.52 -7.42
CA LYS B 276 -10.27 19.70 -6.82
C LYS B 276 -9.70 18.75 -5.79
N VAL B 277 -8.81 17.87 -6.21
CA VAL B 277 -8.24 16.88 -5.30
C VAL B 277 -7.51 17.49 -4.10
N ASN B 278 -6.76 18.56 -4.38
CA ASN B 278 -6.00 19.29 -3.38
C ASN B 278 -6.90 19.88 -2.29
N GLN B 279 -8.07 20.42 -2.68
CA GLN B 279 -9.00 21.00 -1.72
C GLN B 279 -9.30 19.97 -0.66
N ASP B 280 -9.54 18.75 -1.09
CA ASP B 280 -9.86 17.67 -0.16
C ASP B 280 -8.67 17.30 0.71
N MET B 281 -7.50 17.19 0.09
CA MET B 281 -6.29 16.86 0.82
C MET B 281 -6.03 17.88 1.97
N CYS B 282 -6.24 19.15 1.68
CA CYS B 282 -6.04 20.21 2.66
C CYS B 282 -7.01 20.17 3.84
N MET B 283 -8.22 19.69 3.61
CA MET B 283 -9.18 19.55 4.69
C MET B 283 -8.72 18.52 5.75
N LYS B 284 -7.87 17.57 5.34
CA LYS B 284 -7.24 16.61 6.25
C LYS B 284 -5.86 17.10 6.72
N VAL B 285 -5.00 17.47 5.77
CA VAL B 285 -3.65 17.97 6.08
C VAL B 285 -3.42 19.33 5.37
N PRO B 286 -3.62 20.45 6.10
CA PRO B 286 -3.40 21.77 5.52
C PRO B 286 -1.97 21.93 5.00
N ASP B 287 -1.83 22.58 3.85
CA ASP B 287 -0.54 22.64 3.16
C ASP B 287 0.41 23.75 3.66
N ASP B 288 0.12 24.35 4.82
CA ASP B 288 1.13 25.24 5.42
C ASP B 288 2.32 24.36 5.83
N PRO B 289 3.53 24.96 5.88
CA PRO B 289 4.69 24.18 6.29
C PRO B 289 4.51 23.40 7.60
N GLU B 290 3.84 24.01 8.58
CA GLU B 290 3.77 23.46 9.93
C GLU B 290 2.95 22.18 9.94
N HIS B 291 1.82 22.19 9.25
CA HIS B 291 0.95 21.02 9.21
C HIS B 291 1.54 19.91 8.34
N LEU B 292 2.06 20.24 7.16
CA LEU B 292 2.73 19.22 6.39
C LEU B 292 3.86 18.59 7.20
N ALA B 293 4.60 19.40 7.97
CA ALA B 293 5.74 18.89 8.75
C ALA B 293 5.29 17.92 9.85
N ALA B 294 4.21 18.29 10.54
CA ALA B 294 3.68 17.49 11.65
C ALA B 294 3.18 16.11 11.17
N ARG B 295 2.54 16.11 10.00
CA ARG B 295 2.06 14.89 9.41
C ARG B 295 3.19 13.98 8.94
N ARG B 296 4.25 14.58 8.39
CA ARG B 296 5.43 13.82 8.00
C ARG B 296 6.14 13.25 9.22
N GLN B 297 6.20 14.00 10.31
CA GLN B 297 6.72 13.48 11.60
C GLN B 297 5.91 12.27 12.05
N TRP B 298 4.58 12.37 11.98
CA TRP B 298 3.72 11.23 12.32
C TRP B 298 4.01 9.98 11.43
N ARG B 299 4.07 10.20 10.13
CA ARG B 299 4.44 9.18 9.16
C ARG B 299 5.76 8.50 9.53
N ASP B 300 6.76 9.31 9.87
CA ASP B 300 8.08 8.79 10.15
C ASP B 300 8.05 7.91 11.37
N GLU B 301 7.34 8.32 12.40
CA GLU B 301 7.22 7.53 13.63
C GLU B 301 6.55 6.18 13.36
N CYS B 302 5.50 6.21 12.57
CA CYS B 302 4.79 4.98 12.17
C CYS B 302 5.73 4.02 11.44
N LEU B 303 6.51 4.57 10.51
CA LEU B 303 7.44 3.78 9.71
C LEU B 303 8.56 3.21 10.58
N MET B 304 9.03 3.97 11.54
CA MET B 304 10.04 3.46 12.46
C MET B 304 9.48 2.28 13.25
N ARG B 305 8.24 2.40 13.72
CA ARG B 305 7.60 1.31 14.48
C ARG B 305 7.35 0.09 13.58
N LEU B 306 7.00 0.32 12.32
CA LEU B 306 6.84 -0.79 11.37
C LEU B 306 8.15 -1.54 11.14
N ALA B 307 9.25 -0.80 11.03
CA ALA B 307 10.54 -1.45 10.84
C ALA B 307 10.84 -2.34 12.04
N LYS B 308 10.51 -1.86 13.22
CA LYS B 308 10.79 -2.60 14.43
C LYS B 308 9.97 -3.89 14.40
N LEU B 309 8.68 -3.74 14.12
CA LEU B 309 7.77 -4.86 13.97
C LEU B 309 8.32 -5.86 12.95
N LYS B 310 8.69 -5.37 11.77
CA LYS B 310 9.17 -6.26 10.70
C LYS B 310 10.46 -7.00 11.06
N SER B 311 11.30 -6.40 11.90
CA SER B 311 12.48 -7.05 12.43
C SER B 311 12.14 -8.14 13.46
N GLN B 312 10.91 -8.17 13.94
CA GLN B 312 10.49 -9.11 14.98
C GLN B 312 9.75 -10.34 14.44
N VAL B 313 9.17 -10.24 13.24
CA VAL B 313 8.25 -11.27 12.75
C VAL B 313 8.99 -12.28 11.87
#